data_2YCM
#
_entry.id   2YCM
#
_cell.length_a   75.060
_cell.length_b   75.060
_cell.length_c   220.820
_cell.angle_alpha   90.00
_cell.angle_beta   90.00
_cell.angle_gamma   120.00
#
_symmetry.space_group_name_H-M   'H 3 2'
#
loop_
_entity.id
_entity.type
_entity.pdbx_description
1 polymer '2-C-METHYL-D-ERYTHRITOL 4-PHOSPHATE CYTIDYLYLTRANSFERASE, CHLOROPLASTIC'
2 non-polymer 'CADMIUM ION'
3 non-polymer 'SODIUM ION'
4 non-polymer 'COPPER (II) ION'
5 non-polymer '6-BENZYL-5-CHLORO-7-HYDROXYPYRAZOLO[1,5-A]PYRIMIDINE-3-CARBOXYLIC ACID'
6 water water
#
_entity_poly.entity_id   1
_entity_poly.type   'polypeptide(L)'
_entity_poly.pdbx_seq_one_letter_code
;EKSVSVILLAGGQGKRMKMSMPKQYIPLLGQPIALYSFFTFSRMPEVKEIVVVCDPFFRDIFEEYEESIDVDLSFAIPGK
ERQDSVYSGLQEIDVNSELVCIHDSARPLVNTEDVEKVLKDGSAVGAAVLGVPAKATIKEVNSDSLVVKTLDRKTLWEMQ
TPQVIKPELLKKGFELVKSEGLEVTDDVSIVEYLKHPVYVSQGSYTNIKVTTPDDLLLAERILSEDS
;
_entity_poly.pdbx_strand_id   A
#
# COMPACT_ATOMS: atom_id res chain seq x y z
N GLU A 1 4.82 15.17 12.78
CA GLU A 1 5.59 15.68 11.61
C GLU A 1 6.72 14.70 11.30
N LYS A 2 6.92 14.46 10.00
CA LYS A 2 7.94 13.58 9.47
C LYS A 2 8.21 12.37 10.38
N SER A 3 7.15 11.65 10.74
CA SER A 3 7.28 10.42 11.52
C SER A 3 6.97 9.16 10.65
N VAL A 4 6.46 9.38 9.44
CA VAL A 4 5.97 8.27 8.57
C VAL A 4 6.94 8.04 7.45
N SER A 5 7.27 6.77 7.24
CA SER A 5 7.96 6.26 6.05
C SER A 5 6.97 5.53 5.18
N VAL A 6 6.95 5.91 3.92
CA VAL A 6 6.12 5.25 2.93
C VAL A 6 6.97 4.24 2.16
N ILE A 7 6.47 3.01 2.04
CA ILE A 7 7.01 2.05 1.13
C ILE A 7 6.06 2.01 -0.06
N LEU A 8 6.50 2.53 -1.22
CA LEU A 8 5.70 2.59 -2.38
C LEU A 8 6.00 1.46 -3.36
N LEU A 9 5.03 0.55 -3.54
CA LEU A 9 5.32 -0.64 -4.34
C LEU A 9 5.11 -0.33 -5.80
N ALA A 10 6.19 -0.28 -6.57
CA ALA A 10 6.07 0.10 -7.97
C ALA A 10 6.93 -0.83 -8.82
N GLY A 11 7.00 -2.11 -8.46
CA GLY A 11 7.89 -3.08 -9.09
C GLY A 11 7.09 -4.25 -9.68
N MET A 21 4.42 -0.58 -21.32
CA MET A 21 4.92 -0.38 -19.94
C MET A 21 4.10 -1.25 -18.94
N PRO A 22 4.74 -1.67 -17.82
CA PRO A 22 3.94 -2.05 -16.65
C PRO A 22 2.87 -0.99 -16.33
N LYS A 23 1.72 -1.48 -15.88
CA LYS A 23 0.52 -0.73 -15.62
C LYS A 23 0.80 0.54 -14.78
N GLN A 24 1.67 0.48 -13.78
CA GLN A 24 1.87 1.61 -12.89
C GLN A 24 2.71 2.71 -13.51
N TYR A 25 3.20 2.50 -14.74
CA TYR A 25 3.96 3.56 -15.41
C TYR A 25 3.26 4.16 -16.61
N ILE A 26 2.09 3.64 -16.93
CA ILE A 26 1.26 4.20 -17.92
C ILE A 26 0.76 5.56 -17.42
N PRO A 27 0.88 6.60 -18.28
CA PRO A 27 0.33 7.92 -18.09
C PRO A 27 -1.12 7.98 -17.83
N LEU A 28 -1.50 8.81 -16.86
CA LEU A 28 -2.84 9.14 -16.65
C LEU A 28 -2.78 10.68 -16.78
N LEU A 29 -3.53 11.25 -17.73
CA LEU A 29 -3.34 12.66 -18.13
C LEU A 29 -1.91 13.15 -18.11
N GLY A 30 -1.03 12.45 -18.80
CA GLY A 30 0.36 12.88 -18.92
C GLY A 30 1.35 12.45 -17.89
N GLN A 31 0.86 11.83 -16.79
CA GLN A 31 1.67 11.58 -15.65
C GLN A 31 1.63 10.07 -15.42
N PRO A 32 2.79 9.38 -15.37
CA PRO A 32 2.80 7.97 -14.98
C PRO A 32 2.03 7.70 -13.68
N ILE A 33 1.14 6.70 -13.69
CA ILE A 33 0.28 6.34 -12.57
C ILE A 33 1.00 6.34 -11.22
N ALA A 34 2.22 5.83 -11.18
CA ALA A 34 2.98 5.74 -9.92
C ALA A 34 3.17 7.12 -9.29
N LEU A 35 3.16 8.18 -10.11
CA LEU A 35 3.52 9.49 -9.55
C LEU A 35 2.36 10.10 -8.82
N TYR A 36 1.13 9.67 -9.07
CA TYR A 36 0.00 10.30 -8.42
C TYR A 36 0.06 10.05 -6.90
N SER A 37 0.23 8.80 -6.50
CA SER A 37 0.25 8.56 -5.08
C SER A 37 1.59 9.04 -4.45
N PHE A 38 2.69 8.87 -5.21
CA PHE A 38 3.94 9.43 -4.85
C PHE A 38 3.81 10.93 -4.43
N PHE A 39 3.13 11.70 -5.27
CA PHE A 39 2.96 13.13 -4.92
C PHE A 39 2.02 13.42 -3.80
N THR A 40 0.96 12.64 -3.69
CA THR A 40 0.00 12.78 -2.60
C THR A 40 0.70 12.55 -1.24
N PHE A 41 1.53 11.51 -1.14
CA PHE A 41 2.28 11.29 0.11
C PHE A 41 3.34 12.36 0.39
N SER A 42 3.99 12.80 -0.67
CA SER A 42 5.12 13.70 -0.52
C SER A 42 4.63 15.05 0.00
N ARG A 43 3.38 15.46 -0.31
CA ARG A 43 2.77 16.73 0.19
C ARG A 43 2.36 16.67 1.68
N MET A 44 2.30 15.50 2.27
CA MET A 44 1.85 15.34 3.63
C MET A 44 2.93 15.61 4.61
N PRO A 45 2.74 16.57 5.54
CA PRO A 45 3.82 16.86 6.47
C PRO A 45 4.22 15.68 7.28
N GLU A 46 3.28 14.78 7.58
CA GLU A 46 3.61 13.57 8.37
C GLU A 46 4.70 12.70 7.71
N VAL A 47 4.79 12.75 6.41
CA VAL A 47 5.60 11.84 5.63
C VAL A 47 6.98 12.41 5.50
N LYS A 48 7.94 11.69 6.02
CA LYS A 48 9.39 12.01 6.07
C LYS A 48 10.10 11.57 4.78
N GLU A 49 9.72 10.40 4.29
CA GLU A 49 10.49 9.70 3.29
C GLU A 49 9.62 8.75 2.58
N ILE A 50 9.96 8.57 1.33
CA ILE A 50 9.36 7.54 0.47
C ILE A 50 10.47 6.61 -0.03
N VAL A 51 10.26 5.32 0.24
CA VAL A 51 11.07 4.27 -0.30
C VAL A 51 10.32 3.73 -1.49
N VAL A 52 10.80 3.99 -2.70
CA VAL A 52 10.18 3.45 -3.87
C VAL A 52 10.80 2.08 -4.22
N VAL A 53 9.96 1.06 -4.37
CA VAL A 53 10.45 -0.30 -4.60
C VAL A 53 10.21 -0.49 -6.06
N CYS A 54 11.25 -0.44 -6.87
CA CYS A 54 10.97 -0.54 -8.31
C CYS A 54 12.17 -1.09 -9.01
N ASP A 55 11.94 -1.61 -10.21
CA ASP A 55 13.06 -1.94 -11.07
C ASP A 55 13.91 -0.72 -11.33
N PRO A 56 15.25 -0.83 -11.23
CA PRO A 56 16.15 0.33 -11.49
C PRO A 56 15.88 1.06 -12.81
N PHE A 57 15.43 0.35 -13.85
CA PHE A 57 15.03 0.99 -15.09
C PHE A 57 14.14 2.21 -14.86
N PHE A 58 13.21 2.14 -13.88
CA PHE A 58 12.18 3.14 -13.69
C PHE A 58 12.49 4.22 -12.63
N ARG A 59 13.65 4.14 -12.02
CA ARG A 59 14.01 5.05 -10.94
C ARG A 59 13.97 6.52 -11.32
N ASP A 60 14.37 6.83 -12.55
N ASP A 60 14.39 6.81 -12.55
CA ASP A 60 14.41 8.21 -13.01
CA ASP A 60 14.42 8.18 -13.07
C ASP A 60 13.04 8.91 -13.01
C ASP A 60 13.05 8.89 -13.04
N ILE A 61 11.98 8.12 -13.18
CA ILE A 61 10.61 8.63 -13.10
C ILE A 61 10.44 9.39 -11.76
N PHE A 62 11.04 8.90 -10.67
CA PHE A 62 10.86 9.46 -9.34
C PHE A 62 11.95 10.45 -9.01
N GLU A 63 13.16 10.10 -9.42
CA GLU A 63 14.31 10.88 -9.03
C GLU A 63 14.25 12.24 -9.73
N GLU A 64 13.52 12.37 -10.84
CA GLU A 64 13.34 13.67 -11.49
C GLU A 64 12.75 14.71 -10.55
N TYR A 65 11.96 14.25 -9.59
CA TYR A 65 11.23 15.13 -8.70
C TYR A 65 11.81 15.26 -7.35
N GLU A 66 12.99 14.69 -7.14
CA GLU A 66 13.60 14.72 -5.83
C GLU A 66 13.76 16.10 -5.17
N GLU A 67 14.23 17.12 -5.90
CA GLU A 67 14.45 18.42 -5.21
C GLU A 67 13.15 19.21 -5.16
N SER A 68 12.09 18.72 -5.80
CA SER A 68 10.86 19.45 -5.75
C SER A 68 9.89 18.87 -4.72
N ILE A 69 10.28 17.81 -4.04
CA ILE A 69 9.33 17.22 -3.09
C ILE A 69 9.78 17.40 -1.66
N ASP A 70 8.83 17.49 -0.72
CA ASP A 70 9.25 17.61 0.68
C ASP A 70 9.37 16.29 1.41
N VAL A 71 10.02 15.31 0.79
CA VAL A 71 10.41 14.10 1.50
C VAL A 71 11.78 13.66 0.98
N ASP A 72 12.44 12.79 1.74
CA ASP A 72 13.59 12.05 1.27
C ASP A 72 13.11 10.90 0.38
N LEU A 73 13.78 10.70 -0.75
CA LEU A 73 13.50 9.61 -1.62
C LEU A 73 14.59 8.55 -1.51
N SER A 74 14.18 7.29 -1.33
CA SER A 74 15.10 6.17 -1.32
C SER A 74 14.55 5.11 -2.21
N PHE A 75 15.38 4.13 -2.52
CA PHE A 75 14.98 3.08 -3.46
C PHE A 75 15.30 1.72 -2.85
N ALA A 76 14.53 0.73 -3.27
CA ALA A 76 14.77 -0.64 -2.88
C ALA A 76 14.44 -1.54 -4.05
N ILE A 77 15.13 -2.65 -4.13
CA ILE A 77 14.94 -3.56 -5.20
C ILE A 77 13.78 -4.46 -4.87
N PRO A 78 12.87 -4.68 -5.82
CA PRO A 78 11.80 -5.61 -5.60
C PRO A 78 12.24 -7.07 -5.47
N GLY A 79 11.33 -7.86 -4.91
CA GLY A 79 11.50 -9.32 -4.77
C GLY A 79 10.50 -10.05 -5.62
N LYS A 80 10.41 -11.37 -5.42
CA LYS A 80 9.56 -12.26 -6.24
C LYS A 80 8.11 -12.14 -5.84
N GLU A 81 7.86 -12.08 -4.54
CA GLU A 81 6.52 -11.92 -4.04
C GLU A 81 6.37 -10.52 -3.46
N ARG A 82 5.13 -10.05 -3.40
CA ARG A 82 4.81 -8.76 -2.84
C ARG A 82 5.45 -8.63 -1.46
N GLN A 83 5.37 -9.68 -0.64
CA GLN A 83 5.92 -9.58 0.72
C GLN A 83 7.45 -9.46 0.72
N ASP A 84 8.09 -9.98 -0.32
CA ASP A 84 9.52 -9.81 -0.42
C ASP A 84 9.80 -8.36 -0.75
N SER A 85 8.96 -7.77 -1.56
CA SER A 85 9.19 -6.38 -1.98
C SER A 85 9.02 -5.49 -0.74
N VAL A 86 8.02 -5.81 0.09
CA VAL A 86 7.84 -5.05 1.31
C VAL A 86 9.01 -5.12 2.19
N TYR A 87 9.55 -6.32 2.41
CA TYR A 87 10.68 -6.53 3.28
C TYR A 87 11.90 -5.76 2.79
N SER A 88 12.10 -5.77 1.49
CA SER A 88 13.22 -4.99 0.88
C SER A 88 13.06 -3.50 1.16
N GLY A 89 11.86 -2.99 0.89
CA GLY A 89 11.47 -1.65 1.29
C GLY A 89 11.75 -1.32 2.75
N LEU A 90 11.27 -2.18 3.64
CA LEU A 90 11.46 -2.03 5.05
C LEU A 90 12.90 -1.86 5.48
N GLN A 91 13.84 -2.49 4.74
CA GLN A 91 15.20 -2.40 5.13
C GLN A 91 15.80 -1.03 4.87
N GLU A 92 15.11 -0.21 4.09
CA GLU A 92 15.58 1.12 3.77
C GLU A 92 14.96 2.25 4.54
N ILE A 93 13.97 1.98 5.41
CA ILE A 93 13.29 3.11 6.07
C ILE A 93 14.17 3.64 7.17
N ASP A 94 13.88 4.87 7.59
CA ASP A 94 14.61 5.59 8.63
C ASP A 94 14.54 4.80 9.93
N VAL A 95 15.65 4.77 10.66
CA VAL A 95 15.77 3.93 11.84
C VAL A 95 14.82 4.36 12.94
N ASN A 96 14.40 5.61 12.99
CA ASN A 96 13.49 6.04 14.00
C ASN A 96 12.15 6.40 13.42
N SER A 97 11.74 5.83 12.29
CA SER A 97 10.40 6.18 11.81
C SER A 97 9.43 5.44 12.72
N GLU A 98 8.31 6.07 13.02
CA GLU A 98 7.38 5.49 14.02
C GLU A 98 6.23 4.78 13.35
N LEU A 99 6.12 4.94 12.04
CA LEU A 99 5.08 4.32 11.27
C LEU A 99 5.52 4.09 9.82
N VAL A 100 5.22 2.90 9.30
CA VAL A 100 5.44 2.52 7.93
C VAL A 100 4.09 2.45 7.19
N CYS A 101 4.02 3.08 6.03
CA CYS A 101 2.81 3.19 5.21
C CYS A 101 3.09 2.53 3.88
N ILE A 102 2.54 1.33 3.69
CA ILE A 102 2.78 0.53 2.49
C ILE A 102 1.68 0.83 1.48
N HIS A 103 2.05 1.22 0.27
CA HIS A 103 1.08 1.55 -0.71
C HIS A 103 1.41 0.95 -2.04
N ASP A 104 0.37 0.46 -2.70
N ASP A 104 0.38 0.42 -2.69
CA ASP A 104 0.48 -0.07 -4.05
CA ASP A 104 0.48 -0.12 -4.04
C ASP A 104 0.45 1.09 -5.02
C ASP A 104 0.44 1.06 -5.02
N SER A 105 1.49 1.29 -5.80
CA SER A 105 1.49 2.45 -6.78
C SER A 105 0.40 2.35 -7.85
N ALA A 106 -0.17 1.16 -8.04
CA ALA A 106 -1.30 1.00 -8.93
C ALA A 106 -2.64 1.55 -8.39
N ARG A 107 -2.62 2.09 -7.18
CA ARG A 107 -3.72 2.92 -6.64
C ARG A 107 -3.41 4.41 -6.64
N PRO A 108 -3.58 5.07 -7.80
CA PRO A 108 -3.16 6.46 -7.88
C PRO A 108 -4.09 7.47 -7.25
N LEU A 109 -5.32 7.07 -6.96
CA LEU A 109 -6.39 7.96 -6.64
C LEU A 109 -6.64 8.05 -5.16
N VAL A 110 -5.80 7.44 -4.30
CA VAL A 110 -5.96 7.55 -2.85
C VAL A 110 -6.03 9.06 -2.43
N ASN A 111 -7.05 9.42 -1.67
CA ASN A 111 -7.25 10.82 -1.20
C ASN A 111 -6.42 11.08 0.04
N THR A 112 -5.85 12.27 0.12
CA THR A 112 -5.11 12.72 1.26
C THR A 112 -5.91 12.52 2.53
N GLU A 113 -7.19 12.77 2.46
CA GLU A 113 -7.97 12.71 3.65
C GLU A 113 -8.03 11.26 4.17
N ASP A 114 -8.11 10.28 3.26
CA ASP A 114 -8.11 8.88 3.65
C ASP A 114 -6.80 8.44 4.14
N VAL A 115 -5.73 8.90 3.49
CA VAL A 115 -4.40 8.60 4.02
C VAL A 115 -4.25 9.13 5.47
N GLU A 116 -4.68 10.37 5.71
CA GLU A 116 -4.63 10.94 7.06
C GLU A 116 -5.31 10.01 8.06
N LYS A 117 -6.47 9.44 7.69
CA LYS A 117 -7.26 8.62 8.63
C LYS A 117 -6.56 7.36 9.00
N VAL A 118 -6.06 6.66 7.99
CA VAL A 118 -5.40 5.42 8.16
C VAL A 118 -4.07 5.63 8.89
N LEU A 119 -3.36 6.73 8.62
CA LEU A 119 -2.23 7.03 9.45
C LEU A 119 -2.62 7.18 10.94
N LYS A 120 -3.67 7.90 11.22
CA LYS A 120 -4.05 8.07 12.63
C LYS A 120 -4.42 6.75 13.26
N ASP A 121 -5.16 5.92 12.56
CA ASP A 121 -5.61 4.65 13.09
C ASP A 121 -4.44 3.70 13.25
N GLY A 122 -3.46 3.72 12.33
CA GLY A 122 -2.34 2.82 12.49
C GLY A 122 -1.52 3.34 13.64
N SER A 123 -1.38 4.64 13.78
CA SER A 123 -0.63 5.13 14.93
C SER A 123 -1.25 4.68 16.32
N ALA A 124 -2.58 4.79 16.39
CA ALA A 124 -3.40 4.46 17.56
C ALA A 124 -3.41 3.00 17.90
N VAL A 125 -3.59 2.15 16.87
CA VAL A 125 -3.75 0.75 17.05
C VAL A 125 -2.51 -0.08 16.88
N GLY A 126 -1.59 0.41 16.05
CA GLY A 126 -0.41 -0.31 15.69
C GLY A 126 -0.42 -0.85 14.28
N ALA A 127 -1.63 -0.99 13.71
CA ALA A 127 -1.79 -1.57 12.39
C ALA A 127 -3.19 -1.22 11.92
N ALA A 128 -3.28 -0.60 10.75
CA ALA A 128 -4.52 -0.13 10.14
C ALA A 128 -4.41 -0.28 8.61
N VAL A 129 -5.54 -0.51 7.98
CA VAL A 129 -5.57 -0.66 6.55
C VAL A 129 -6.85 0.05 6.11
N LEU A 130 -6.80 0.69 4.97
CA LEU A 130 -7.99 1.29 4.37
C LEU A 130 -8.81 0.17 3.71
N GLY A 131 -10.10 0.23 3.93
CA GLY A 131 -11.03 -0.77 3.43
C GLY A 131 -12.33 -0.11 3.05
N VAL A 132 -13.10 -0.81 2.21
CA VAL A 132 -14.44 -0.42 1.92
C VAL A 132 -15.38 -1.58 2.05
N PRO A 133 -16.68 -1.31 2.29
CA PRO A 133 -17.53 -2.46 2.44
C PRO A 133 -17.67 -3.18 1.11
N ALA A 134 -17.57 -4.50 1.13
CA ALA A 134 -17.62 -5.24 -0.16
C ALA A 134 -19.01 -5.06 -0.77
N LYS A 135 -19.13 -4.78 -2.06
CA LYS A 135 -20.50 -4.56 -2.56
C LYS A 135 -21.12 -5.92 -3.00
N ALA A 136 -20.30 -6.79 -3.53
CA ALA A 136 -20.76 -8.11 -4.04
C ALA A 136 -21.21 -9.03 -2.89
N THR A 137 -22.09 -9.97 -3.20
CA THR A 137 -22.36 -11.09 -2.35
C THR A 137 -21.20 -12.09 -2.43
N ILE A 138 -20.62 -12.34 -1.27
CA ILE A 138 -19.43 -13.12 -1.14
C ILE A 138 -19.72 -14.25 -0.20
N LYS A 139 -19.30 -15.45 -0.61
CA LYS A 139 -19.53 -16.61 0.21
C LYS A 139 -18.29 -17.44 0.31
N GLU A 140 -18.11 -18.07 1.46
CA GLU A 140 -17.12 -19.09 1.61
C GLU A 140 -17.69 -20.35 0.98
N VAL A 141 -16.84 -21.10 0.34
CA VAL A 141 -17.21 -22.30 -0.39
C VAL A 141 -16.24 -23.37 0.02
N ASN A 142 -16.73 -24.59 0.25
CA ASN A 142 -15.89 -25.68 0.62
C ASN A 142 -15.35 -26.50 -0.51
N SER A 143 -14.60 -27.53 -0.18
CA SER A 143 -13.84 -28.22 -1.22
C SER A 143 -14.77 -29.12 -2.06
N ASP A 144 -16.00 -29.31 -1.62
CA ASP A 144 -17.00 -29.91 -2.51
C ASP A 144 -17.79 -28.87 -3.31
N SER A 145 -17.33 -27.62 -3.34
CA SER A 145 -17.96 -26.52 -4.06
C SER A 145 -19.32 -26.19 -3.56
N LEU A 146 -19.54 -26.38 -2.27
CA LEU A 146 -20.80 -26.02 -1.63
C LEU A 146 -20.65 -24.82 -0.78
N VAL A 147 -21.68 -23.98 -0.75
CA VAL A 147 -21.67 -22.77 0.04
C VAL A 147 -21.58 -23.12 1.50
N VAL A 148 -20.66 -22.45 2.21
CA VAL A 148 -20.55 -22.54 3.69
C VAL A 148 -21.49 -21.49 4.24
N LYS A 149 -22.54 -21.91 4.93
CA LYS A 149 -23.63 -20.98 5.17
C LYS A 149 -23.40 -20.14 6.42
N THR A 150 -24.12 -19.01 6.53
CA THR A 150 -24.24 -18.21 7.77
C THR A 150 -25.63 -17.50 7.93
N LEU A 151 -26.14 -17.47 9.16
CA LEU A 151 -27.49 -16.89 9.43
C LEU A 151 -27.39 -15.60 10.24
N THR A 155 -19.76 -8.60 8.62
CA THR A 155 -19.66 -7.75 7.42
C THR A 155 -18.26 -7.77 6.83
N LEU A 156 -18.23 -7.80 5.52
CA LEU A 156 -17.00 -8.11 4.80
C LEU A 156 -16.55 -6.82 4.23
N TRP A 157 -15.24 -6.65 4.23
CA TRP A 157 -14.66 -5.43 3.76
C TRP A 157 -13.60 -5.83 2.78
N GLU A 158 -13.46 -5.03 1.74
CA GLU A 158 -12.45 -5.22 0.73
C GLU A 158 -11.24 -4.34 1.14
N MET A 159 -10.07 -4.91 1.15
CA MET A 159 -8.92 -4.14 1.63
C MET A 159 -8.31 -3.35 0.45
N GLN A 160 -7.81 -2.19 0.80
CA GLN A 160 -7.15 -1.34 -0.17
C GLN A 160 -5.75 -1.15 0.41
N THR A 161 -5.05 -0.15 -0.08
CA THR A 161 -3.83 0.35 0.52
C THR A 161 -4.04 1.86 0.56
N PRO A 162 -3.38 2.56 1.47
CA PRO A 162 -2.33 2.08 2.31
C PRO A 162 -2.67 1.06 3.39
N GLN A 163 -1.64 0.34 3.77
CA GLN A 163 -1.56 -0.42 5.04
C GLN A 163 -0.51 0.28 5.88
N VAL A 164 -0.83 0.57 7.13
CA VAL A 164 -0.03 1.41 7.96
C VAL A 164 0.27 0.57 9.17
N ILE A 165 1.54 0.45 9.52
CA ILE A 165 1.94 -0.45 10.57
C ILE A 165 3.18 0.08 11.29
N LYS A 166 3.21 -0.09 12.61
CA LYS A 166 4.41 0.21 13.37
C LYS A 166 5.55 -0.67 12.91
N PRO A 167 6.72 -0.06 12.61
CA PRO A 167 7.78 -0.89 12.08
C PRO A 167 8.23 -2.01 12.97
N GLU A 168 8.24 -1.82 14.27
CA GLU A 168 8.61 -2.96 15.14
C GLU A 168 7.65 -4.14 15.01
N LEU A 169 6.38 -3.85 14.86
CA LEU A 169 5.40 -4.91 14.66
C LEU A 169 5.61 -5.60 13.31
N LEU A 170 5.83 -4.82 12.27
CA LEU A 170 6.08 -5.41 10.94
C LEU A 170 7.31 -6.28 11.00
N LYS A 171 8.37 -5.81 11.65
CA LYS A 171 9.58 -6.66 11.80
C LYS A 171 9.34 -7.95 12.60
N LYS A 172 8.66 -7.88 13.75
CA LYS A 172 8.37 -9.14 14.44
C LYS A 172 7.58 -10.01 13.49
N GLY A 173 6.72 -9.39 12.68
CA GLY A 173 5.85 -10.15 11.82
C GLY A 173 6.68 -10.94 10.84
N PHE A 174 7.65 -10.26 10.21
CA PHE A 174 8.55 -10.91 9.27
C PHE A 174 9.38 -12.00 9.92
N GLU A 175 9.93 -11.74 11.11
CA GLU A 175 10.68 -12.75 11.88
C GLU A 175 9.87 -14.05 12.06
N LEU A 176 8.61 -13.91 12.44
CA LEU A 176 7.66 -15.03 12.57
C LEU A 176 7.44 -15.74 11.23
N VAL A 177 7.12 -14.96 10.20
CA VAL A 177 6.94 -15.52 8.85
C VAL A 177 8.18 -16.29 8.39
N LYS A 178 9.33 -15.64 8.42
CA LYS A 178 10.58 -16.26 7.98
C LYS A 178 10.86 -17.58 8.75
N SER A 179 10.86 -17.51 10.08
CA SER A 179 11.27 -18.64 10.94
C SER A 179 10.35 -19.85 10.84
N GLU A 180 9.07 -19.67 11.19
CA GLU A 180 8.05 -20.71 11.08
C GLU A 180 8.06 -21.30 9.68
N GLY A 181 7.85 -20.42 8.71
CA GLY A 181 7.69 -20.78 7.30
C GLY A 181 6.30 -20.44 6.78
N LEU A 182 5.49 -19.77 7.61
CA LEU A 182 4.06 -19.70 7.33
C LEU A 182 3.74 -18.95 6.05
N GLU A 183 2.60 -19.28 5.47
CA GLU A 183 2.30 -18.83 4.12
C GLU A 183 1.70 -17.44 4.14
N VAL A 184 2.13 -16.63 3.18
CA VAL A 184 1.40 -15.45 2.78
C VAL A 184 0.63 -15.83 1.51
N THR A 185 -0.70 -15.85 1.61
CA THR A 185 -1.61 -16.11 0.49
C THR A 185 -2.52 -14.91 0.19
N ASP A 186 -2.82 -14.10 1.20
CA ASP A 186 -3.48 -12.80 0.98
C ASP A 186 -2.66 -11.63 1.60
N ASP A 187 -3.17 -10.39 1.47
CA ASP A 187 -2.36 -9.15 1.68
C ASP A 187 -2.34 -8.62 3.11
N VAL A 188 -3.08 -9.26 4.01
CA VAL A 188 -2.97 -8.98 5.44
C VAL A 188 -2.46 -10.22 6.29
N SER A 189 -1.85 -11.20 5.63
CA SER A 189 -1.41 -12.44 6.30
C SER A 189 -0.36 -12.33 7.45
N ILE A 190 0.57 -11.37 7.39
CA ILE A 190 1.63 -11.23 8.42
C ILE A 190 1.13 -10.75 9.77
N VAL A 191 0.49 -9.60 9.77
CA VAL A 191 -0.23 -9.14 10.96
C VAL A 191 -1.26 -10.12 11.54
N GLU A 192 -1.91 -10.95 10.69
CA GLU A 192 -2.92 -11.92 11.17
C GLU A 192 -2.21 -12.88 12.17
N TYR A 193 -0.98 -13.25 11.83
CA TYR A 193 -0.26 -14.29 12.56
C TYR A 193 0.14 -13.78 13.90
N LEU A 194 0.42 -12.48 13.98
CA LEU A 194 0.52 -11.90 15.28
C LEU A 194 -0.88 -11.88 15.88
N LYS A 195 -0.94 -11.70 17.16
CA LYS A 195 -2.24 -11.50 17.75
C LYS A 195 -2.45 -10.05 18.05
N HIS A 196 -1.90 -9.17 17.23
CA HIS A 196 -2.04 -7.77 17.46
C HIS A 196 -3.21 -7.30 16.57
N PRO A 197 -4.06 -6.42 17.09
CA PRO A 197 -5.21 -5.91 16.37
C PRO A 197 -4.87 -5.09 15.11
N VAL A 198 -5.73 -5.21 14.10
CA VAL A 198 -5.60 -4.49 12.83
C VAL A 198 -6.94 -3.78 12.61
N TYR A 199 -6.87 -2.46 12.58
CA TYR A 199 -7.97 -1.63 12.42
C TYR A 199 -8.24 -1.38 10.91
N VAL A 200 -9.51 -1.38 10.55
CA VAL A 200 -9.96 -1.06 9.23
C VAL A 200 -10.56 0.34 9.19
N SER A 201 -9.85 1.23 8.55
CA SER A 201 -10.17 2.61 8.32
C SER A 201 -10.99 2.68 7.05
N GLN A 202 -12.12 3.30 7.12
CA GLN A 202 -13.00 3.35 5.98
C GLN A 202 -12.51 4.30 4.95
N GLY A 203 -12.27 3.77 3.77
CA GLY A 203 -11.79 4.57 2.63
C GLY A 203 -12.91 4.91 1.65
N SER A 204 -12.50 5.09 0.40
CA SER A 204 -13.35 5.50 -0.69
C SER A 204 -13.30 4.47 -1.82
N TYR A 205 -14.45 4.27 -2.44
CA TYR A 205 -14.52 3.41 -3.59
C TYR A 205 -13.72 3.90 -4.78
N THR A 206 -13.40 5.17 -4.80
CA THR A 206 -12.56 5.73 -5.85
C THR A 206 -11.12 5.26 -5.77
N ASN A 207 -10.70 4.70 -4.65
CA ASN A 207 -9.30 4.26 -4.50
C ASN A 207 -9.10 2.93 -5.25
N ILE A 208 -9.35 2.93 -6.54
CA ILE A 208 -9.20 1.75 -7.37
C ILE A 208 -7.75 1.31 -7.64
N LYS A 209 -7.57 0.01 -7.86
CA LYS A 209 -6.28 -0.50 -8.29
C LYS A 209 -6.33 -0.64 -9.81
N VAL A 210 -5.33 -0.10 -10.47
CA VAL A 210 -5.29 -0.12 -11.94
C VAL A 210 -4.65 -1.42 -12.44
N THR A 211 -5.50 -2.36 -12.90
CA THR A 211 -5.08 -3.70 -13.34
C THR A 211 -5.27 -3.82 -14.85
N THR A 212 -6.50 -3.62 -15.28
CA THR A 212 -6.90 -3.81 -16.67
C THR A 212 -6.71 -2.53 -17.47
N PRO A 213 -6.70 -2.69 -18.79
CA PRO A 213 -6.92 -1.59 -19.73
C PRO A 213 -8.06 -0.72 -19.27
N ASP A 214 -9.17 -1.39 -18.93
CA ASP A 214 -10.41 -0.72 -18.56
C ASP A 214 -10.21 0.18 -17.32
N ASP A 215 -9.49 -0.31 -16.32
CA ASP A 215 -9.21 0.50 -15.10
C ASP A 215 -8.57 1.85 -15.45
N LEU A 216 -7.49 1.82 -16.23
CA LEU A 216 -6.88 3.05 -16.80
C LEU A 216 -7.91 4.07 -17.23
N LEU A 217 -8.96 3.59 -17.89
CA LEU A 217 -10.06 4.44 -18.34
C LEU A 217 -10.83 5.02 -17.16
N LEU A 218 -11.12 4.16 -16.19
CA LEU A 218 -11.88 4.56 -15.00
C LEU A 218 -11.13 5.65 -14.25
N ALA A 219 -9.81 5.53 -14.18
CA ALA A 219 -8.98 6.44 -13.40
C ALA A 219 -8.99 7.84 -14.01
N GLU A 220 -8.81 7.92 -15.34
CA GLU A 220 -9.02 9.20 -16.09
C GLU A 220 -10.41 9.81 -15.90
N ARG A 221 -11.44 8.98 -15.95
CA ARG A 221 -12.81 9.40 -15.72
C ARG A 221 -13.01 9.98 -14.32
N ILE A 222 -12.25 9.48 -13.34
CA ILE A 222 -12.37 9.94 -11.94
C ILE A 222 -11.49 11.18 -11.68
N LEU A 223 -10.35 11.26 -12.33
CA LEU A 223 -9.52 12.47 -12.23
C LEU A 223 -10.18 13.72 -12.81
N SER A 224 -11.12 13.54 -13.76
CA SER A 224 -11.85 14.64 -14.40
C SER A 224 -13.15 15.02 -13.66
N GLU A 225 -13.88 14.03 -13.15
CA GLU A 225 -14.98 14.30 -12.22
C GLU A 225 -14.41 14.92 -10.94
#